data_4IX7
#
_entry.id   4IX7
#
_cell.length_a   43.382
_cell.length_b   75.464
_cell.length_c   89.809
_cell.angle_alpha   90.00
_cell.angle_beta   90.00
_cell.angle_gamma   90.00
#
_symmetry.space_group_name_H-M   'P 21 21 21'
#
loop_
_entity.id
_entity.type
_entity.pdbx_description
1 polymer "5'-D(*GP*TP*TP*CP*CP*AP*AP*TP*TP*GP*GP*AP*A)-3'"
2 polymer RE55538p
3 water water
#
loop_
_entity_poly.entity_id
_entity_poly.type
_entity_poly.pdbx_seq_one_letter_code
_entity_poly.pdbx_strand_id
1 'polydeoxyribonucleotide' (DG)(DT)(DT)(DC)(DC)(DA)(DA)(DT)(DT)(DG)(DG)(DA)(DA) C,D
2 'polypeptide(L)'
;DNV(MSE)VSIGPNNTCVPASVFENINWSVCSLATRKLLVTIFDRETLATHSVTGKPSPAFKDQDKPLKR(MSE)LDPGK
IQDIIFAVTHKCNASEKEVRNAITTKCADENK(MSE)(MSE)KIQNVKRRS
;
A,B
#
loop_
_chem_comp.id
_chem_comp.type
_chem_comp.name
_chem_comp.formula
DA DNA linking 2'-DEOXYADENOSINE-5'-MONOPHOSPHATE 'C10 H14 N5 O6 P'
DC DNA linking 2'-DEOXYCYTIDINE-5'-MONOPHOSPHATE 'C9 H14 N3 O7 P'
DG DNA linking 2'-DEOXYGUANOSINE-5'-MONOPHOSPHATE 'C10 H14 N5 O7 P'
DT DNA linking THYMIDINE-5'-MONOPHOSPHATE 'C10 H15 N2 O8 P'
#
# COMPACT_ATOMS: atom_id res chain seq x y z
N ASP C 1 38.43 -0.49 -13.52
CA ASP C 1 37.99 -1.48 -12.54
C ASP C 1 36.47 -1.49 -12.37
N ASN C 2 35.93 -2.68 -12.13
CA ASN C 2 34.52 -2.85 -11.80
C ASN C 2 34.38 -2.97 -10.29
N VAL C 3 34.09 -1.84 -9.65
CA VAL C 3 34.06 -1.77 -8.19
C VAL C 3 32.68 -2.13 -7.65
N MSE C 4 32.65 -3.00 -6.65
CA MSE C 4 31.40 -3.37 -6.01
C MSE C 4 31.10 -2.39 -4.86
O MSE C 4 32.00 -1.98 -4.12
CB MSE C 4 31.45 -4.80 -5.48
CG MSE C 4 31.72 -5.87 -6.55
SE MSE C 4 30.37 -5.92 -7.97
CE MSE C 4 28.88 -6.64 -6.95
N VAL C 5 29.84 -1.99 -4.76
CA VAL C 5 29.40 -1.06 -3.73
C VAL C 5 28.56 -1.82 -2.69
N SER C 6 28.95 -1.75 -1.43
CA SER C 6 28.17 -2.33 -0.33
C SER C 6 26.97 -1.43 -0.04
N ILE C 7 25.76 -1.98 -0.15
CA ILE C 7 24.58 -1.12 -0.04
C ILE C 7 23.97 -1.02 1.36
N GLY C 8 24.41 -1.89 2.28
CA GLY C 8 23.88 -1.87 3.63
C GLY C 8 24.72 -2.67 4.59
N PRO C 9 24.29 -2.70 5.86
CA PRO C 9 25.09 -3.34 6.93
C PRO C 9 25.40 -4.82 6.72
N ASN C 10 24.65 -5.54 5.88
CA ASN C 10 24.92 -6.96 5.66
C ASN C 10 25.83 -7.22 4.46
N ASN C 11 26.37 -6.14 3.91
CA ASN C 11 27.31 -6.21 2.79
C ASN C 11 26.75 -6.84 1.52
N THR C 12 25.45 -6.66 1.29
CA THR C 12 24.90 -6.99 -0.03
C THR C 12 25.45 -5.94 -0.99
N CYS C 13 25.98 -6.40 -2.12
CA CYS C 13 26.62 -5.49 -3.07
C CYS C 13 26.00 -5.48 -4.46
N VAL C 14 26.18 -4.36 -5.13
CA VAL C 14 25.84 -4.21 -6.55
C VAL C 14 27.02 -3.49 -7.20
N PRO C 15 27.19 -3.65 -8.52
CA PRO C 15 28.29 -2.92 -9.15
C PRO C 15 28.10 -1.41 -9.03
N ALA C 16 29.20 -0.66 -8.95
CA ALA C 16 29.11 0.79 -8.90
C ALA C 16 28.34 1.34 -10.09
N SER C 17 28.53 0.73 -11.25
CA SER C 17 27.86 1.18 -12.47
C SER C 17 26.33 1.17 -12.28
N VAL C 18 25.84 0.19 -11.52
CA VAL C 18 24.41 0.11 -11.25
C VAL C 18 24.02 1.11 -10.15
N PHE C 19 24.76 1.09 -9.04
CA PHE C 19 24.44 1.93 -7.89
C PHE C 19 24.40 3.42 -8.25
N GLU C 20 25.38 3.86 -9.01
CA GLU C 20 25.49 5.28 -9.34
C GLU C 20 24.46 5.73 -10.38
N ASN C 21 23.82 4.79 -11.06
CA ASN C 21 22.88 5.14 -12.12
C ASN C 21 21.41 4.99 -11.69
N ILE C 22 21.20 4.66 -10.43
CA ILE C 22 19.85 4.58 -9.88
C ILE C 22 19.28 5.99 -9.66
N ASN C 23 18.03 6.19 -10.08
CA ASN C 23 17.34 7.43 -9.76
C ASN C 23 16.71 7.31 -8.37
N TRP C 24 17.38 7.87 -7.39
CA TRP C 24 16.93 7.75 -6.01
C TRP C 24 15.75 8.68 -5.69
N SER C 25 15.23 9.37 -6.70
CA SER C 25 14.07 10.24 -6.50
CA SER C 25 14.07 10.24 -6.50
C SER C 25 12.75 9.49 -6.64
N VAL C 26 12.81 8.29 -7.24
CA VAL C 26 11.62 7.45 -7.39
C VAL C 26 11.83 6.11 -6.68
N CYS C 27 11.28 6.03 -5.48
CA CYS C 27 11.50 4.90 -4.56
C CYS C 27 11.28 3.56 -5.22
N SER C 28 10.15 3.41 -5.89
CA SER C 28 9.78 2.13 -6.46
C SER C 28 10.75 1.67 -7.55
N LEU C 29 11.17 2.58 -8.40
CA LEU C 29 12.06 2.22 -9.48
C LEU C 29 13.45 1.87 -8.92
N ALA C 30 13.89 2.60 -7.90
CA ALA C 30 15.18 2.31 -7.28
C ALA C 30 15.17 0.90 -6.68
N THR C 31 14.07 0.58 -6.02
CA THR C 31 13.88 -0.73 -5.39
C THR C 31 13.89 -1.83 -6.45
N ARG C 32 13.15 -1.63 -7.53
CA ARG C 32 13.10 -2.62 -8.61
CA ARG C 32 13.10 -2.63 -8.58
C ARG C 32 14.49 -2.89 -9.17
N LYS C 33 15.26 -1.82 -9.40
CA LYS C 33 16.58 -2.00 -9.99
C LYS C 33 17.50 -2.79 -9.07
N LEU C 34 17.47 -2.48 -7.77
CA LEU C 34 18.28 -3.24 -6.83
C LEU C 34 17.85 -4.70 -6.83
N LEU C 35 16.54 -4.95 -6.82
CA LEU C 35 16.04 -6.31 -6.80
C LEU C 35 16.52 -7.17 -7.98
N VAL C 36 16.47 -6.64 -9.19
CA VAL C 36 16.86 -7.43 -10.35
C VAL C 36 18.38 -7.53 -10.49
N THR C 37 19.10 -6.74 -9.70
CA THR C 37 20.55 -6.84 -9.66
C THR C 37 20.99 -7.90 -8.65
N ILE C 38 20.24 -8.02 -7.57
CA ILE C 38 20.63 -8.84 -6.42
C ILE C 38 20.04 -10.25 -6.49
N PHE C 39 18.86 -10.37 -7.09
CA PHE C 39 18.15 -11.64 -7.21
C PHE C 39 17.89 -11.97 -8.66
N ASP C 40 17.97 -13.25 -9.04
CA ASP C 40 17.53 -13.60 -10.38
C ASP C 40 16.00 -13.54 -10.48
N ARG C 41 15.48 -13.43 -11.70
CA ARG C 41 14.04 -13.24 -11.89
C ARG C 41 13.26 -14.43 -11.35
N GLU C 42 13.82 -15.62 -11.49
CA GLU C 42 13.14 -16.83 -11.01
C GLU C 42 12.92 -16.79 -9.51
N THR C 43 13.93 -16.31 -8.77
CA THR C 43 13.81 -16.14 -7.33
C THR C 43 12.69 -15.15 -6.98
N LEU C 44 12.68 -14.01 -7.67
CA LEU C 44 11.66 -13.00 -7.44
C LEU C 44 10.27 -13.54 -7.76
N ALA C 45 10.20 -14.40 -8.77
CA ALA C 45 8.90 -14.90 -9.21
C ALA C 45 8.33 -15.97 -8.28
N THR C 46 9.19 -16.60 -7.50
CA THR C 46 8.77 -17.73 -6.65
C THR C 46 8.83 -17.45 -5.16
N HIS C 47 9.30 -16.26 -4.78
CA HIS C 47 9.42 -15.89 -3.37
C HIS C 47 8.56 -14.67 -3.08
N SER C 48 8.42 -14.37 -1.80
CA SER C 48 7.71 -13.18 -1.34
C SER C 48 8.53 -12.46 -0.29
N VAL C 49 8.06 -11.27 0.11
CA VAL C 49 8.74 -10.51 1.14
C VAL C 49 8.73 -11.24 2.48
N THR C 50 7.59 -11.81 2.84
CA THR C 50 7.41 -12.38 4.18
C THR C 50 7.39 -13.91 4.26
N GLY C 51 7.15 -14.57 3.12
CA GLY C 51 7.01 -16.02 3.11
C GLY C 51 5.70 -16.52 3.70
N LYS C 52 4.78 -15.61 4.02
CA LYS C 52 3.50 -16.00 4.58
C LYS C 52 2.45 -16.10 3.48
N PRO C 53 1.47 -17.01 3.63
CA PRO C 53 0.44 -17.14 2.60
C PRO C 53 -0.52 -15.95 2.64
N SER C 54 -1.16 -15.66 1.51
CA SER C 54 -2.16 -14.62 1.47
C SER C 54 -3.34 -15.04 2.32
N PRO C 55 -3.87 -14.13 3.13
CA PRO C 55 -5.04 -14.45 3.95
C PRO C 55 -6.26 -14.66 3.05
N ALA C 56 -6.21 -14.10 1.85
CA ALA C 56 -7.37 -14.03 0.97
C ALA C 56 -7.54 -15.29 0.13
N PHE C 57 -6.58 -16.20 0.26
CA PHE C 57 -6.61 -17.43 -0.49
C PHE C 57 -6.24 -18.59 0.42
N LYS C 58 -6.68 -18.47 1.67
CA LYS C 58 -6.49 -19.54 2.65
C LYS C 58 -7.38 -20.71 2.27
N ASP C 59 -6.97 -21.92 2.65
CA ASP C 59 -7.66 -23.15 2.27
C ASP C 59 -7.77 -23.30 0.75
N GLN C 60 -6.71 -22.91 0.04
CA GLN C 60 -6.63 -23.14 -1.39
C GLN C 60 -5.35 -23.89 -1.75
N ASP C 61 -5.13 -24.09 -3.05
CA ASP C 61 -3.99 -24.86 -3.50
C ASP C 61 -2.98 -23.96 -4.22
N LYS C 62 -2.86 -22.72 -3.76
CA LYS C 62 -1.84 -21.83 -4.28
C LYS C 62 -0.49 -22.25 -3.71
N PRO C 63 0.58 -22.16 -4.52
CA PRO C 63 1.92 -22.48 -4.02
C PRO C 63 2.31 -21.57 -2.85
N LEU C 64 2.94 -22.10 -1.81
CA LEU C 64 3.42 -21.23 -0.73
C LEU C 64 4.84 -20.73 -1.06
N LYS C 65 4.97 -19.42 -1.24
CA LYS C 65 6.27 -18.82 -1.59
C LYS C 65 7.10 -18.57 -0.36
N ARG C 66 8.38 -18.92 -0.43
CA ARG C 66 9.30 -18.68 0.69
C ARG C 66 9.74 -17.23 0.72
N MSE C 67 10.25 -16.79 1.86
CA MSE C 67 10.71 -15.42 1.97
C MSE C 67 12.05 -15.19 1.22
O MSE C 67 12.92 -16.05 1.20
CB MSE C 67 10.81 -14.98 3.42
CG MSE C 67 12.11 -15.35 4.07
SE MSE C 67 12.16 -14.79 5.92
CE MSE C 67 11.23 -13.13 5.80
N LEU C 68 12.16 -14.02 0.59
CA LEU C 68 13.42 -13.59 0.01
C LEU C 68 14.46 -13.46 1.13
N ASP C 69 15.71 -13.75 0.81
CA ASP C 69 16.85 -13.64 1.73
C ASP C 69 16.69 -12.40 2.61
N PRO C 70 16.46 -12.59 3.92
CA PRO C 70 16.15 -11.45 4.80
C PRO C 70 17.29 -10.44 4.91
N GLY C 71 18.54 -10.91 4.89
CA GLY C 71 19.67 -10.01 5.02
C GLY C 71 19.80 -9.11 3.81
N LYS C 72 19.55 -9.69 2.64
CA LYS C 72 19.59 -8.91 1.39
C LYS C 72 18.45 -7.90 1.34
N ILE C 73 17.26 -8.32 1.76
CA ILE C 73 16.11 -7.43 1.79
C ILE C 73 16.36 -6.28 2.78
N GLN C 74 16.92 -6.60 3.94
CA GLN C 74 17.25 -5.58 4.94
C GLN C 74 18.20 -4.54 4.33
N ASP C 75 19.16 -4.99 3.54
CA ASP C 75 20.09 -4.08 2.91
C ASP C 75 19.43 -3.20 1.86
N ILE C 76 18.52 -3.77 1.08
CA ILE C 76 17.80 -2.99 0.08
C ILE C 76 16.98 -1.91 0.76
N ILE C 77 16.31 -2.27 1.85
CA ILE C 77 15.52 -1.30 2.61
C ILE C 77 16.43 -0.23 3.18
N PHE C 78 17.57 -0.63 3.72
CA PHE C 78 18.54 0.34 4.24
C PHE C 78 18.94 1.34 3.17
N ALA C 79 19.33 0.84 2.00
CA ALA C 79 19.83 1.73 0.94
C ALA C 79 18.73 2.68 0.44
N VAL C 80 17.55 2.16 0.16
CA VAL C 80 16.50 2.98 -0.43
C VAL C 80 15.98 4.03 0.56
N THR C 81 15.75 3.62 1.80
CA THR C 81 15.27 4.58 2.81
C THR C 81 16.28 5.69 3.10
N HIS C 82 17.57 5.39 3.00
CA HIS C 82 18.62 6.38 3.26
C HIS C 82 18.88 7.31 2.06
N LYS C 83 18.52 6.86 0.86
CA LYS C 83 18.83 7.63 -0.34
C LYS C 83 17.60 8.24 -1.01
N CYS C 84 16.43 7.68 -0.74
CA CYS C 84 15.19 8.18 -1.32
CA CYS C 84 15.19 8.18 -1.32
C CYS C 84 14.34 8.90 -0.28
N ASN C 85 14.68 8.67 1.00
CA ASN C 85 13.91 9.20 2.11
C ASN C 85 12.46 8.70 2.09
N ALA C 86 12.31 7.41 1.78
CA ALA C 86 11.03 6.74 1.78
C ALA C 86 10.91 5.98 3.08
N SER C 87 9.70 5.59 3.46
CA SER C 87 9.55 4.78 4.67
C SER C 87 9.89 3.33 4.34
N GLU C 88 10.20 2.56 5.38
CA GLU C 88 10.45 1.14 5.19
C GLU C 88 9.23 0.46 4.57
N LYS C 89 8.03 0.85 5.00
CA LYS C 89 6.82 0.26 4.45
C LYS C 89 6.70 0.50 2.93
N GLU C 90 7.05 1.70 2.49
CA GLU C 90 7.01 2.07 1.09
C GLU C 90 7.97 1.19 0.27
N VAL C 91 9.14 0.93 0.82
CA VAL C 91 10.10 0.07 0.13
C VAL C 91 9.58 -1.36 0.08
N ARG C 92 9.06 -1.86 1.20
CA ARG C 92 8.54 -3.22 1.23
CA ARG C 92 8.55 -3.23 1.21
C ARG C 92 7.40 -3.40 0.23
N ASN C 93 6.54 -2.38 0.10
CA ASN C 93 5.44 -2.42 -0.86
CA ASN C 93 5.46 -2.46 -0.87
C ASN C 93 5.97 -2.57 -2.29
N ALA C 94 7.05 -1.85 -2.59
CA ALA C 94 7.65 -1.96 -3.90
C ALA C 94 8.20 -3.36 -4.16
N ILE C 95 8.78 -4.00 -3.14
CA ILE C 95 9.28 -5.35 -3.29
C ILE C 95 8.12 -6.33 -3.54
N THR C 96 7.05 -6.19 -2.76
CA THR C 96 5.88 -7.05 -2.96
C THR C 96 5.37 -6.97 -4.40
N THR C 97 5.29 -5.75 -4.92
CA THR C 97 4.78 -5.54 -6.25
C THR C 97 5.72 -6.15 -7.29
N LYS C 98 7.02 -5.94 -7.12
CA LYS C 98 7.98 -6.47 -8.08
C LYS C 98 7.96 -8.01 -8.11
N CYS C 99 7.86 -8.62 -6.94
CA CYS C 99 7.75 -10.08 -6.86
C CYS C 99 6.50 -10.56 -7.60
N ALA C 100 5.39 -9.86 -7.41
CA ALA C 100 4.15 -10.22 -8.11
C ALA C 100 4.29 -10.03 -9.61
N ASP C 101 4.98 -8.97 -10.02
CA ASP C 101 5.22 -8.71 -11.44
C ASP C 101 6.05 -9.84 -12.09
N GLU C 102 7.08 -10.29 -11.39
CA GLU C 102 7.95 -11.35 -11.91
C GLU C 102 7.22 -12.68 -11.95
N ASN C 103 6.35 -12.91 -10.96
CA ASN C 103 5.53 -14.11 -10.95
C ASN C 103 4.63 -14.16 -12.18
N LYS C 104 4.05 -13.01 -12.55
CA LYS C 104 3.16 -12.96 -13.71
C LYS C 104 3.92 -13.31 -14.96
N MSE C 105 5.14 -12.81 -15.05
CA MSE C 105 5.98 -13.11 -16.20
C MSE C 105 6.39 -14.58 -16.25
O MSE C 105 6.41 -15.18 -17.34
CB MSE C 105 7.17 -12.15 -16.20
CG MSE C 105 6.71 -10.72 -16.37
SE MSE C 105 6.07 -10.49 -18.19
CE MSE C 105 7.86 -10.89 -18.87
N MSE C 106 6.67 -15.19 -15.10
CA MSE C 106 6.97 -16.63 -15.06
C MSE C 106 5.79 -17.48 -15.51
O MSE C 106 5.97 -18.48 -16.19
CB MSE C 106 7.41 -17.06 -13.65
CG MSE C 106 7.50 -18.59 -13.47
SE MSE C 106 7.87 -19.24 -11.67
CE MSE C 106 6.17 -18.88 -10.84
N LYS C 107 4.58 -17.07 -15.13
CA LYS C 107 3.39 -17.83 -15.50
C LYS C 107 3.19 -17.84 -17.01
N ILE C 108 3.53 -16.71 -17.64
CA ILE C 108 3.49 -16.59 -19.09
C ILE C 108 4.46 -17.55 -19.76
N GLN C 109 5.69 -17.57 -19.26
CA GLN C 109 6.73 -18.38 -19.88
C GLN C 109 6.45 -19.88 -19.70
N ASN C 110 5.72 -20.23 -18.65
CA ASN C 110 5.33 -21.63 -18.44
C ASN C 110 4.24 -22.08 -19.42
N VAL C 111 3.35 -21.16 -19.78
CA VAL C 111 2.30 -21.45 -20.75
C VAL C 111 2.91 -21.81 -22.10
N LYS C 112 3.94 -21.09 -22.49
CA LYS C 112 4.69 -21.39 -23.70
C LYS C 112 5.32 -22.78 -23.66
N ARG C 113 5.73 -23.20 -22.46
CA ARG C 113 6.39 -24.49 -22.28
C ARG C 113 5.45 -25.70 -22.43
N ARG C 114 4.20 -25.43 -22.79
CA ARG C 114 3.25 -26.48 -23.14
C ARG C 114 2.23 -25.94 -24.14
N ASP D 1 -25.54 25.48 16.18
CA ASP D 1 -24.91 26.79 16.26
C ASP D 1 -23.38 26.70 16.32
N ASN D 2 -22.80 25.81 15.52
CA ASN D 2 -21.35 25.63 15.51
C ASN D 2 -20.70 26.02 14.17
N VAL D 3 -19.38 26.21 14.19
CA VAL D 3 -18.64 26.53 12.98
C VAL D 3 -18.37 25.26 12.17
N MSE D 4 -18.78 25.27 10.90
CA MSE D 4 -18.53 24.14 10.02
C MSE D 4 -17.37 24.47 9.07
O MSE D 4 -17.53 25.27 8.14
CB MSE D 4 -19.78 23.72 9.26
CG MSE D 4 -20.97 23.37 10.14
SE MSE D 4 -20.75 21.86 11.14
CE MSE D 4 -20.85 20.58 9.89
N VAL D 5 -16.23 23.83 9.30
CA VAL D 5 -15.02 24.09 8.54
C VAL D 5 -15.04 23.31 7.23
N SER D 6 -14.70 23.98 6.13
CA SER D 6 -14.57 23.32 4.83
C SER D 6 -13.19 22.68 4.73
N ILE D 7 -13.13 21.36 4.56
CA ILE D 7 -11.86 20.66 4.63
C ILE D 7 -11.14 20.60 3.29
N GLY D 8 -11.87 20.90 2.23
CA GLY D 8 -11.32 20.90 0.89
C GLY D 8 -12.17 21.71 -0.07
N PRO D 9 -11.67 21.90 -1.30
CA PRO D 9 -12.28 22.78 -2.31
C PRO D 9 -13.72 22.41 -2.74
N ASN D 10 -14.15 21.17 -2.48
CA ASN D 10 -15.53 20.81 -2.79
C ASN D 10 -16.50 21.15 -1.66
N ASN D 11 -15.96 21.80 -0.62
CA ASN D 11 -16.76 22.33 0.49
C ASN D 11 -17.41 21.30 1.40
N THR D 12 -16.79 20.13 1.48
CA THR D 12 -17.19 19.13 2.47
C THR D 12 -16.83 19.67 3.86
N CYS D 13 -17.83 19.76 4.73
CA CYS D 13 -17.62 20.36 6.03
C CYS D 13 -17.66 19.37 7.19
N VAL D 14 -16.88 19.68 8.22
CA VAL D 14 -16.95 18.98 9.49
C VAL D 14 -17.00 20.04 10.60
N PRO D 15 -17.52 19.69 11.78
CA PRO D 15 -17.51 20.65 12.89
C PRO D 15 -16.08 21.08 13.24
N ALA D 16 -15.90 22.35 13.57
CA ALA D 16 -14.58 22.87 13.91
C ALA D 16 -13.97 22.11 15.08
N SER D 17 -14.81 21.71 16.03
CA SER D 17 -14.34 20.96 17.20
C SER D 17 -13.73 19.63 16.79
N VAL D 18 -14.33 18.96 15.80
CA VAL D 18 -13.75 17.74 15.26
C VAL D 18 -12.44 18.04 14.52
N PHE D 19 -12.47 19.05 13.64
CA PHE D 19 -11.30 19.42 12.85
C PHE D 19 -10.09 19.75 13.72
N GLU D 20 -10.30 20.56 14.75
CA GLU D 20 -9.21 20.99 15.61
C GLU D 20 -8.59 19.86 16.44
N ASN D 21 -9.33 18.77 16.61
CA ASN D 21 -8.88 17.69 17.48
C ASN D 21 -8.45 16.43 16.75
N ILE D 22 -8.52 16.45 15.42
CA ILE D 22 -8.06 15.32 14.62
C ILE D 22 -6.55 15.11 14.79
N ASN D 23 -6.13 13.85 14.81
CA ASN D 23 -4.71 13.52 14.91
C ASN D 23 -4.04 13.68 13.55
N TRP D 24 -3.57 14.89 13.27
CA TRP D 24 -2.95 15.17 11.97
C TRP D 24 -1.52 14.68 11.86
N SER D 25 -1.01 14.04 12.92
CA SER D 25 0.36 13.53 12.92
CA SER D 25 0.35 13.54 12.90
C SER D 25 0.42 12.10 12.39
N VAL D 26 -0.73 11.44 12.31
CA VAL D 26 -0.80 10.08 11.78
C VAL D 26 -1.85 10.03 10.67
N CYS D 27 -1.38 9.97 9.42
CA CYS D 27 -2.23 10.05 8.23
C CYS D 27 -3.47 9.18 8.31
N SER D 28 -3.27 7.91 8.64
CA SER D 28 -4.37 6.97 8.64
C SER D 28 -5.41 7.31 9.71
N LEU D 29 -4.95 7.73 10.89
CA LEU D 29 -5.88 8.11 11.95
C LEU D 29 -6.68 9.37 11.61
N ALA D 30 -6.04 10.33 10.97
CA ALA D 30 -6.76 11.53 10.52
C ALA D 30 -7.83 11.14 9.50
N THR D 31 -7.43 10.29 8.56
CA THR D 31 -8.35 9.85 7.53
C THR D 31 -9.56 9.12 8.09
N ARG D 32 -9.31 8.21 9.03
CA ARG D 32 -10.38 7.43 9.63
CA ARG D 32 -10.39 7.43 9.62
C ARG D 32 -11.38 8.31 10.37
N LYS D 33 -10.87 9.30 11.10
CA LYS D 33 -11.75 10.19 11.85
C LYS D 33 -12.61 11.06 10.92
N LEU D 34 -12.01 11.54 9.85
CA LEU D 34 -12.78 12.26 8.85
C LEU D 34 -13.86 11.36 8.26
N LEU D 35 -13.51 10.10 7.96
CA LEU D 35 -14.49 9.20 7.34
C LEU D 35 -15.70 8.93 8.25
N VAL D 36 -15.48 8.70 9.53
CA VAL D 36 -16.60 8.39 10.42
C VAL D 36 -17.42 9.63 10.75
N THR D 37 -16.85 10.81 10.53
CA THR D 37 -17.57 12.06 10.70
C THR D 37 -18.45 12.35 9.49
N ILE D 38 -17.94 12.04 8.30
CA ILE D 38 -18.56 12.40 7.04
C ILE D 38 -19.55 11.34 6.50
N PHE D 39 -19.25 10.06 6.74
CA PHE D 39 -20.11 8.97 6.28
C PHE D 39 -20.60 8.15 7.46
N ASP D 40 -21.82 7.63 7.37
CA ASP D 40 -22.27 6.73 8.43
C ASP D 40 -21.69 5.33 8.29
N ARG D 41 -21.79 4.53 9.34
CA ARG D 41 -21.25 3.17 9.35
C ARG D 41 -21.77 2.31 8.22
N GLU D 42 -23.08 2.41 7.97
CA GLU D 42 -23.72 1.61 6.95
C GLU D 42 -23.11 1.90 5.59
N THR D 43 -22.85 3.18 5.33
CA THR D 43 -22.21 3.58 4.08
C THR D 43 -20.78 3.03 3.98
N LEU D 44 -20.01 3.19 5.05
CA LEU D 44 -18.62 2.73 5.04
C LEU D 44 -18.53 1.22 4.85
N ALA D 45 -19.49 0.50 5.44
CA ALA D 45 -19.50 -0.96 5.38
C ALA D 45 -19.92 -1.51 4.02
N THR D 46 -20.53 -0.68 3.19
CA THR D 46 -21.13 -1.14 1.95
C THR D 46 -20.61 -0.41 0.70
N HIS D 47 -19.66 0.49 0.90
CA HIS D 47 -19.10 1.25 -0.20
C HIS D 47 -17.59 1.05 -0.26
N SER D 48 -16.99 1.52 -1.35
CA SER D 48 -15.55 1.45 -1.53
C SER D 48 -15.04 2.72 -2.19
N VAL D 49 -13.72 2.90 -2.22
CA VAL D 49 -13.15 4.07 -2.84
C VAL D 49 -13.56 4.21 -4.32
N THR D 50 -13.50 3.10 -5.06
CA THR D 50 -13.74 3.13 -6.50
C THR D 50 -15.05 2.50 -6.97
N GLY D 51 -15.69 1.73 -6.10
CA GLY D 51 -16.89 1.00 -6.49
C GLY D 51 -16.64 -0.09 -7.53
N LYS D 52 -15.38 -0.47 -7.73
CA LYS D 52 -15.04 -1.54 -8.67
C LYS D 52 -14.69 -2.81 -7.91
N PRO D 53 -15.05 -3.99 -8.45
CA PRO D 53 -14.75 -5.24 -7.75
C PRO D 53 -13.26 -5.53 -7.73
N SER D 54 -12.83 -6.41 -6.84
CA SER D 54 -11.43 -6.79 -6.78
C SER D 54 -11.03 -7.70 -7.94
N PRO D 55 -9.87 -7.44 -8.55
CA PRO D 55 -9.37 -8.32 -9.62
C PRO D 55 -9.04 -9.71 -9.10
N ALA D 56 -8.88 -9.84 -7.78
CA ALA D 56 -8.50 -11.10 -7.17
C ALA D 56 -9.69 -12.02 -6.94
N PHE D 57 -10.90 -11.52 -7.22
CA PHE D 57 -12.13 -12.27 -6.96
C PHE D 57 -13.13 -12.26 -8.13
N LYS D 58 -12.61 -12.12 -9.34
CA LYS D 58 -13.45 -12.06 -10.54
C LYS D 58 -14.25 -13.35 -10.80
N ASP D 59 -13.74 -14.49 -10.35
CA ASP D 59 -14.43 -15.75 -10.56
C ASP D 59 -15.47 -16.02 -9.46
N GLN D 60 -15.49 -15.16 -8.44
CA GLN D 60 -16.47 -15.26 -7.36
C GLN D 60 -17.50 -14.13 -7.49
N ASP D 61 -18.60 -14.25 -6.76
CA ASP D 61 -19.71 -13.29 -6.90
C ASP D 61 -19.89 -12.40 -5.68
N LYS D 62 -18.82 -11.73 -5.28
CA LYS D 62 -18.81 -10.89 -4.08
C LYS D 62 -19.85 -9.79 -4.14
N PRO D 63 -20.37 -9.38 -2.98
CA PRO D 63 -21.35 -8.30 -2.93
C PRO D 63 -20.84 -7.05 -3.63
N LEU D 64 -21.75 -6.32 -4.29
CA LEU D 64 -21.37 -5.09 -4.94
C LEU D 64 -21.25 -3.98 -3.92
N LYS D 65 -20.24 -3.14 -4.10
CA LYS D 65 -20.10 -1.94 -3.27
C LYS D 65 -20.13 -0.72 -4.17
N ARG D 66 -20.91 0.27 -3.78
CA ARG D 66 -20.97 1.52 -4.52
C ARG D 66 -19.77 2.38 -4.16
N MSE D 67 -19.48 3.37 -5.00
CA MSE D 67 -18.38 4.27 -4.76
C MSE D 67 -18.78 5.33 -3.72
O MSE D 67 -19.87 5.91 -3.80
CB MSE D 67 -18.02 4.95 -6.09
CG MSE D 67 -17.04 6.07 -6.00
SE MSE D 67 -16.87 6.90 -7.76
CE MSE D 67 -18.74 7.00 -8.25
N LEU D 68 -17.90 5.56 -2.74
CA LEU D 68 -18.09 6.69 -1.83
C LEU D 68 -18.11 7.99 -2.62
N ASP D 69 -18.95 8.92 -2.16
CA ASP D 69 -19.11 10.24 -2.80
C ASP D 69 -17.76 10.83 -3.20
N PRO D 70 -17.52 10.98 -4.51
CA PRO D 70 -16.18 11.38 -4.96
C PRO D 70 -15.77 12.78 -4.51
N GLY D 71 -16.72 13.71 -4.43
CA GLY D 71 -16.40 15.06 -4.04
C GLY D 71 -15.90 15.08 -2.61
N LYS D 72 -16.59 14.33 -1.75
CA LYS D 72 -16.19 14.22 -0.35
C LYS D 72 -14.85 13.49 -0.19
N ILE D 73 -14.65 12.42 -0.94
CA ILE D 73 -13.38 11.71 -0.88
C ILE D 73 -12.22 12.61 -1.35
N GLN D 74 -12.44 13.36 -2.44
CA GLN D 74 -11.44 14.31 -2.92
C GLN D 74 -11.07 15.31 -1.82
N ASP D 75 -12.08 15.79 -1.10
CA ASP D 75 -11.83 16.72 0.00
C ASP D 75 -11.08 16.08 1.16
N ILE D 76 -11.38 14.82 1.46
CA ILE D 76 -10.63 14.13 2.51
C ILE D 76 -9.16 14.00 2.12
N ILE D 77 -8.91 13.64 0.85
CA ILE D 77 -7.53 13.53 0.36
C ILE D 77 -6.82 14.89 0.43
N PHE D 78 -7.54 15.94 0.04
CA PHE D 78 -7.00 17.30 0.11
C PHE D 78 -6.57 17.65 1.54
N ALA D 79 -7.47 17.45 2.49
CA ALA D 79 -7.20 17.81 3.87
C ALA D 79 -6.00 17.07 4.43
N VAL D 80 -5.99 15.75 4.24
CA VAL D 80 -4.95 14.94 4.84
C VAL D 80 -3.57 15.14 4.19
N THR D 81 -3.52 15.23 2.87
CA THR D 81 -2.24 15.43 2.20
C THR D 81 -1.62 16.77 2.59
N HIS D 82 -2.47 17.76 2.88
CA HIS D 82 -1.99 19.09 3.23
C HIS D 82 -1.59 19.23 4.70
N LYS D 83 -2.27 18.50 5.58
CA LYS D 83 -2.04 18.65 7.01
C LYS D 83 -1.20 17.53 7.62
N CYS D 84 -0.97 16.47 6.86
CA CYS D 84 -0.17 15.35 7.33
CA CYS D 84 -0.15 15.37 7.35
C CYS D 84 1.05 15.14 6.44
N ASN D 85 1.03 15.78 5.28
CA ASN D 85 2.09 15.63 4.30
C ASN D 85 2.26 14.17 3.91
N ALA D 86 1.12 13.50 3.75
CA ALA D 86 1.06 12.15 3.25
C ALA D 86 0.86 12.24 1.74
N SER D 87 1.08 11.14 1.04
CA SER D 87 0.81 11.10 -0.39
C SER D 87 -0.67 10.80 -0.62
N GLU D 88 -1.17 11.14 -1.81
CA GLU D 88 -2.55 10.80 -2.14
C GLU D 88 -2.78 9.30 -2.04
N LYS D 89 -1.81 8.52 -2.51
CA LYS D 89 -1.92 7.07 -2.45
C LYS D 89 -2.07 6.58 -1.00
N GLU D 90 -1.28 7.17 -0.10
CA GLU D 90 -1.36 6.83 1.32
C GLU D 90 -2.74 7.10 1.91
N VAL D 91 -3.33 8.24 1.55
CA VAL D 91 -4.66 8.56 2.06
C VAL D 91 -5.68 7.58 1.47
N ARG D 92 -5.60 7.34 0.18
CA ARG D 92 -6.52 6.40 -0.46
CA ARG D 92 -6.54 6.41 -0.44
C ARG D 92 -6.42 5.01 0.16
N ASN D 93 -5.20 4.57 0.47
CA ASN D 93 -5.02 3.26 1.10
C ASN D 93 -5.67 3.21 2.47
N ALA D 94 -5.59 4.33 3.19
CA ALA D 94 -6.25 4.41 4.49
C ALA D 94 -7.76 4.33 4.37
N ILE D 95 -8.32 4.88 3.29
CA ILE D 95 -9.77 4.82 3.09
C ILE D 95 -10.17 3.39 2.76
N THR D 96 -9.44 2.75 1.85
CA THR D 96 -9.69 1.35 1.51
C THR D 96 -9.72 0.50 2.78
N THR D 97 -8.74 0.73 3.65
CA THR D 97 -8.61 -0.06 4.86
C THR D 97 -9.78 0.17 5.80
N LYS D 98 -10.17 1.44 5.98
CA LYS D 98 -11.26 1.75 6.90
C LYS D 98 -12.57 1.13 6.41
N CYS D 99 -12.80 1.20 5.10
CA CYS D 99 -14.01 0.60 4.53
C CYS D 99 -14.03 -0.91 4.76
N ALA D 100 -12.88 -1.55 4.56
CA ALA D 100 -12.78 -2.98 4.80
C ALA D 100 -13.00 -3.31 6.28
N ASP D 101 -12.48 -2.45 7.16
CA ASP D 101 -12.62 -2.60 8.60
C ASP D 101 -14.08 -2.51 9.02
N GLU D 102 -14.81 -1.54 8.48
CA GLU D 102 -16.22 -1.39 8.87
C GLU D 102 -17.07 -2.51 8.28
N ASN D 103 -16.74 -2.95 7.06
CA ASN D 103 -17.41 -4.10 6.49
C ASN D 103 -17.25 -5.32 7.40
N LYS D 104 -16.03 -5.54 7.90
CA LYS D 104 -15.75 -6.64 8.81
C LYS D 104 -16.59 -6.54 10.09
N MSE D 105 -16.68 -5.32 10.62
CA MSE D 105 -17.37 -5.12 11.90
C MSE D 105 -18.87 -5.37 11.72
O MSE D 105 -19.52 -5.93 12.60
CB MSE D 105 -17.11 -3.73 12.47
CG MSE D 105 -17.64 -3.54 13.88
SE MSE D 105 -16.79 -4.69 15.22
CE MSE D 105 -15.34 -3.51 15.76
N MSE D 106 -19.40 -4.97 10.57
CA MSE D 106 -20.80 -5.22 10.25
C MSE D 106 -21.07 -6.72 10.23
O MSE D 106 -22.09 -7.18 10.75
CB MSE D 106 -21.17 -4.60 8.90
CG MSE D 106 -22.63 -4.81 8.53
SE MSE D 106 -23.09 -4.11 6.78
CE MSE D 106 -22.13 -5.39 5.65
N LYS D 107 -20.17 -7.47 9.61
CA LYS D 107 -20.33 -8.91 9.50
C LYS D 107 -20.22 -9.60 10.86
N ILE D 108 -19.31 -9.11 11.70
CA ILE D 108 -19.12 -9.66 13.04
C ILE D 108 -20.37 -9.47 13.88
N GLN D 109 -20.93 -8.27 13.82
CA GLN D 109 -22.11 -7.92 14.60
C GLN D 109 -23.34 -8.70 14.15
N ASN D 110 -23.32 -9.20 12.91
CA ASN D 110 -24.39 -10.07 12.41
C ASN D 110 -24.33 -11.44 13.06
N VAL D 111 -23.13 -12.01 13.12
CA VAL D 111 -22.94 -13.32 13.74
C VAL D 111 -23.30 -13.25 15.22
N LYS D 112 -22.82 -12.19 15.70
CA LYS D 112 -23.16 -11.92 17.10
C LYS D 112 -24.66 -11.88 17.31
N ARG D 113 -25.40 -11.29 16.37
CA ARG D 113 -26.86 -11.12 16.49
C ARG D 113 -27.61 -12.45 16.45
N ARG D 114 -27.17 -13.35 15.58
CA ARG D 114 -27.66 -14.73 15.47
C ARG D 114 -26.56 -15.75 15.71
#